data_5JZV
#
_entry.id   5JZV
#
_cell.length_a   101.757
_cell.length_b   101.757
_cell.length_c   58.854
_cell.angle_alpha   90.00
_cell.angle_beta   90.00
_cell.angle_gamma   120.00
#
_symmetry.space_group_name_H-M   'P 61'
#
loop_
_entity.id
_entity.type
_entity.pdbx_description
1 polymer 'Adenylate kinase isoenzyme 6'
2 non-polymer "ADENOSINE-5'-DIPHOSPHATE"
3 water water
#
_entity_poly.entity_id   1
_entity_poly.type   'polypeptide(L)'
_entity_poly.pdbx_seq_one_letter_code
;MGSSHHHHHHSSGLVPRGSHMASMTGGQQMGRGSMLLPNILLTGTPGVGKTTLGKELASKSGLKYINVGDLAREEQLYDG
YDEEYDCPILDEDRVVDELDNQMREGGVIVGYHGCDFFPERWFHIVFVLRTDTNVLYERLETRGYNEKKLTDNIQCEIFQ
VLYEEATASYKEEIVHQLPSNKPEELENNVDQILKWIEQWIKDHNS
;
_entity_poly.pdbx_strand_id   A
#
loop_
_chem_comp.id
_chem_comp.type
_chem_comp.name
_chem_comp.formula
ADP non-polymer ADENOSINE-5'-DIPHOSPHATE 'C10 H15 N5 O10 P2'
#
# COMPACT_ATOMS: atom_id res chain seq x y z
N ARG A 32 -8.14 -12.15 20.48
CA ARG A 32 -7.54 -12.03 21.85
C ARG A 32 -6.27 -11.16 21.79
N GLY A 33 -6.28 -10.08 22.58
CA GLY A 33 -5.18 -9.11 22.66
C GLY A 33 -4.01 -9.73 23.41
N SER A 34 -3.96 -11.07 23.39
CA SER A 34 -2.85 -11.84 23.86
C SER A 34 -1.92 -12.30 22.72
N MET A 35 -2.34 -12.19 21.43
CA MET A 35 -1.57 -12.69 20.25
C MET A 35 -0.69 -11.58 19.61
N LEU A 36 0.61 -11.87 19.33
CA LEU A 36 1.49 -10.97 18.51
C LEU A 36 1.04 -11.08 17.03
N LEU A 37 0.71 -9.93 16.40
CA LEU A 37 0.23 -9.86 14.99
C LEU A 37 1.22 -9.07 14.06
N PRO A 38 1.30 -9.43 12.77
CA PRO A 38 2.25 -8.76 11.86
C PRO A 38 1.72 -7.47 11.23
N ASN A 39 2.63 -6.65 10.65
CA ASN A 39 2.25 -5.47 9.85
C ASN A 39 2.69 -5.67 8.40
N ILE A 40 1.86 -5.21 7.46
CA ILE A 40 2.05 -5.44 6.02
C ILE A 40 1.97 -4.09 5.27
N LEU A 41 2.92 -3.83 4.35
CA LEU A 41 2.78 -2.71 3.38
C LEU A 41 2.28 -3.12 1.98
N LEU A 42 1.27 -2.41 1.46
CA LEU A 42 0.78 -2.57 0.06
C LEU A 42 1.14 -1.22 -0.64
N THR A 43 2.04 -1.26 -1.64
CA THR A 43 2.48 -0.04 -2.39
C THR A 43 2.42 -0.31 -3.94
N GLY A 44 2.73 0.71 -4.75
CA GLY A 44 2.58 0.63 -6.20
C GLY A 44 1.86 1.88 -6.71
N THR A 45 1.91 2.10 -8.04
CA THR A 45 1.35 3.35 -8.70
C THR A 45 -0.19 3.45 -8.44
N PRO A 46 -0.77 4.67 -8.32
CA PRO A 46 -2.25 4.77 -8.27
C PRO A 46 -2.94 3.97 -9.40
N GLY A 47 -4.04 3.25 -9.10
CA GLY A 47 -4.70 2.37 -10.09
C GLY A 47 -4.43 0.87 -10.07
N VAL A 48 -3.36 0.42 -9.38
CA VAL A 48 -2.92 -1.01 -9.46
C VAL A 48 -3.85 -1.99 -8.68
N GLY A 49 -4.69 -1.49 -7.74
CA GLY A 49 -5.54 -2.36 -6.91
C GLY A 49 -5.27 -2.39 -5.38
N LYS A 50 -4.50 -1.42 -4.85
CA LYS A 50 -4.08 -1.48 -3.37
C LYS A 50 -5.28 -1.48 -2.37
N THR A 51 -6.23 -0.55 -2.55
CA THR A 51 -7.40 -0.45 -1.61
C THR A 51 -8.38 -1.61 -1.79
N THR A 52 -8.61 -2.05 -3.03
CA THR A 52 -9.47 -3.21 -3.25
C THR A 52 -8.88 -4.45 -2.49
N LEU A 53 -7.56 -4.69 -2.64
CA LEU A 53 -6.90 -5.84 -1.96
C LEU A 53 -6.87 -5.67 -0.41
N GLY A 54 -6.52 -4.47 0.06
CA GLY A 54 -6.44 -4.21 1.53
C GLY A 54 -7.80 -4.43 2.28
N LYS A 55 -8.91 -3.91 1.70
CA LYS A 55 -10.26 -4.11 2.31
C LYS A 55 -10.68 -5.56 2.39
N GLU A 56 -10.36 -6.32 1.35
CA GLU A 56 -10.69 -7.67 1.34
C GLU A 56 -9.85 -8.51 2.37
N LEU A 57 -8.52 -8.25 2.45
CA LEU A 57 -7.68 -8.85 3.49
C LEU A 57 -8.11 -8.54 4.92
N ALA A 58 -8.54 -7.31 5.19
CA ALA A 58 -9.05 -6.89 6.51
C ALA A 58 -10.31 -7.72 6.86
N SER A 59 -11.27 -7.76 5.92
CA SER A 59 -12.54 -8.54 6.14
C SER A 59 -12.32 -9.99 6.48
N LYS A 60 -11.36 -10.62 5.79
CA LYS A 60 -11.08 -12.04 5.88
C LYS A 60 -9.95 -12.49 6.85
N SER A 61 -9.32 -11.54 7.53
CA SER A 61 -8.27 -11.88 8.52
C SER A 61 -8.54 -11.27 9.91
N GLY A 62 -9.38 -10.25 10.01
CA GLY A 62 -9.51 -9.43 11.23
C GLY A 62 -8.45 -8.32 11.47
N LEU A 63 -7.42 -8.21 10.62
CA LEU A 63 -6.47 -7.11 10.68
C LEU A 63 -7.18 -5.81 10.23
N LYS A 64 -6.60 -4.67 10.58
CA LYS A 64 -7.12 -3.33 10.25
C LYS A 64 -6.42 -2.82 8.95
N TYR A 65 -7.18 -2.26 7.98
CA TYR A 65 -6.62 -1.66 6.73
C TYR A 65 -6.63 -0.13 6.86
N ILE A 66 -5.49 0.55 6.67
CA ILE A 66 -5.46 2.00 6.70
C ILE A 66 -4.97 2.53 5.33
N ASN A 67 -5.81 3.27 4.61
CA ASN A 67 -5.44 3.97 3.36
C ASN A 67 -4.84 5.33 3.76
N VAL A 68 -3.51 5.53 3.57
CA VAL A 68 -2.83 6.77 4.05
C VAL A 68 -3.44 8.07 3.48
N GLY A 69 -3.83 8.04 2.21
CA GLY A 69 -4.56 9.15 1.59
C GLY A 69 -5.85 9.59 2.30
N ASP A 70 -6.71 8.61 2.61
CA ASP A 70 -7.94 8.84 3.38
C ASP A 70 -7.67 9.33 4.79
N LEU A 71 -6.69 8.72 5.47
CA LEU A 71 -6.25 9.25 6.79
C LEU A 71 -5.83 10.73 6.80
N ALA A 72 -5.02 11.14 5.79
CA ALA A 72 -4.60 12.57 5.76
C ALA A 72 -5.78 13.53 5.52
N ARG A 73 -6.76 13.14 4.69
CA ARG A 73 -8.04 13.90 4.45
C ARG A 73 -8.87 14.05 5.77
N GLU A 74 -9.11 12.91 6.43
CA GLU A 74 -9.86 12.87 7.73
C GLU A 74 -9.23 13.71 8.86
N GLU A 75 -7.93 13.62 9.03
CA GLU A 75 -7.21 14.32 10.08
C GLU A 75 -6.49 15.61 9.65
N GLN A 76 -6.68 16.03 8.38
CA GLN A 76 -6.10 17.32 7.84
C GLN A 76 -4.55 17.37 8.03
N LEU A 77 -3.86 16.32 7.54
CA LEU A 77 -2.38 16.27 7.76
C LEU A 77 -1.64 16.79 6.51
N TYR A 78 -1.67 18.12 6.28
CA TYR A 78 -1.10 18.78 5.07
C TYR A 78 -0.26 20.02 5.38
N ASP A 79 0.78 20.27 4.54
CA ASP A 79 1.66 21.45 4.64
C ASP A 79 2.02 21.94 3.22
N GLY A 80 1.44 23.06 2.77
CA GLY A 80 1.56 23.54 1.36
C GLY A 80 0.37 23.13 0.46
N TYR A 81 0.15 23.84 -0.65
CA TYR A 81 -0.89 23.54 -1.63
C TYR A 81 -0.32 23.38 -3.03
N ASP A 82 -0.92 22.51 -3.82
CA ASP A 82 -0.50 22.33 -5.21
C ASP A 82 -1.47 22.99 -6.16
N GLU A 83 -1.08 24.13 -6.67
CA GLU A 83 -1.86 24.87 -7.64
C GLU A 83 -1.94 24.08 -8.94
N GLU A 84 -0.80 23.55 -9.34
CA GLU A 84 -0.66 22.69 -10.50
C GLU A 84 -1.64 21.53 -10.54
N TYR A 85 -1.70 20.73 -9.49
CA TYR A 85 -2.64 19.62 -9.51
C TYR A 85 -3.97 19.91 -8.82
N ASP A 86 -4.09 21.07 -8.19
CA ASP A 86 -5.32 21.48 -7.44
C ASP A 86 -5.64 20.65 -6.16
N CYS A 87 -4.63 20.42 -5.31
CA CYS A 87 -4.75 19.57 -4.10
C CYS A 87 -3.70 19.92 -2.98
N PRO A 88 -4.09 19.79 -1.68
CA PRO A 88 -3.12 20.06 -0.59
C PRO A 88 -2.03 19.03 -0.62
N ILE A 89 -0.85 19.37 -0.11
CA ILE A 89 0.31 18.48 -0.04
C ILE A 89 0.53 17.72 1.33
N LEU A 90 0.67 16.38 1.26
CA LEU A 90 0.94 15.49 2.45
C LEU A 90 2.07 15.91 3.36
N ASP A 91 1.83 16.03 4.68
CA ASP A 91 2.86 16.28 5.68
C ASP A 91 3.41 14.93 6.26
N GLU A 92 4.57 14.48 5.75
CA GLU A 92 5.11 13.12 6.04
C GLU A 92 5.40 12.87 7.51
N ASP A 93 6.04 13.83 8.20
CA ASP A 93 6.30 13.65 9.62
C ASP A 93 5.04 13.53 10.51
N ARG A 94 3.98 14.31 10.23
CA ARG A 94 2.72 14.17 11.02
C ARG A 94 2.00 12.81 10.76
N VAL A 95 2.06 12.32 9.51
CA VAL A 95 1.59 10.95 9.24
C VAL A 95 2.29 9.87 10.15
N VAL A 96 3.63 9.93 10.23
CA VAL A 96 4.43 8.97 11.04
C VAL A 96 4.06 9.06 12.55
N ASP A 97 4.01 10.30 13.09
CA ASP A 97 3.50 10.53 14.52
C ASP A 97 2.08 10.00 14.78
N GLU A 98 1.20 10.21 13.80
CA GLU A 98 -0.20 9.83 13.97
C GLU A 98 -0.34 8.30 14.10
N LEU A 99 0.47 7.53 13.33
CA LEU A 99 0.31 6.05 13.26
C LEU A 99 1.25 5.24 14.20
N ASP A 100 2.25 5.90 14.76
CA ASP A 100 3.35 5.15 15.40
C ASP A 100 2.90 4.16 16.49
N ASN A 101 2.01 4.59 17.40
CA ASN A 101 1.61 3.67 18.49
C ASN A 101 0.81 2.45 18.03
N GLN A 102 -0.16 2.65 17.13
CA GLN A 102 -0.90 1.57 16.48
C GLN A 102 0.02 0.56 15.80
N MET A 103 1.07 1.03 15.11
CA MET A 103 2.04 0.16 14.46
C MET A 103 2.83 -0.66 15.50
N ARG A 104 3.20 -0.03 16.61
CA ARG A 104 3.91 -0.80 17.72
C ARG A 104 3.05 -1.95 18.28
N GLU A 105 1.73 -1.73 18.33
CA GLU A 105 0.79 -2.75 18.80
C GLU A 105 0.49 -3.91 17.82
N GLY A 106 0.80 -3.73 16.52
CA GLY A 106 0.72 -4.84 15.54
C GLY A 106 -0.65 -5.05 14.93
N GLY A 107 -0.73 -5.82 13.84
CA GLY A 107 -1.96 -6.14 13.16
C GLY A 107 -2.52 -5.06 12.25
N VAL A 108 -1.64 -4.33 11.54
CA VAL A 108 -2.10 -3.22 10.63
C VAL A 108 -1.58 -3.48 9.17
N ILE A 109 -2.46 -3.27 8.18
CA ILE A 109 -2.10 -3.29 6.75
C ILE A 109 -2.21 -1.84 6.27
N VAL A 110 -1.09 -1.30 5.75
CA VAL A 110 -1.01 0.09 5.31
C VAL A 110 -0.95 0.16 3.77
N GLY A 111 -1.76 1.04 3.16
CA GLY A 111 -1.76 1.27 1.70
C GLY A 111 -1.39 2.71 1.31
N TYR A 112 -0.42 2.85 0.42
CA TYR A 112 0.03 4.13 -0.09
C TYR A 112 0.94 4.05 -1.33
N HIS A 113 0.89 5.11 -2.12
CA HIS A 113 1.73 5.28 -3.30
C HIS A 113 3.11 5.92 -3.08
N GLY A 114 3.70 5.66 -1.93
CA GLY A 114 5.07 5.96 -1.60
C GLY A 114 5.46 5.16 -0.37
N CYS A 115 6.75 5.01 -0.09
CA CYS A 115 7.15 4.27 1.12
C CYS A 115 8.50 4.70 1.72
N ASP A 116 9.25 5.60 1.07
CA ASP A 116 10.59 5.94 1.64
C ASP A 116 10.59 6.66 2.99
N PHE A 117 9.50 7.30 3.43
CA PHE A 117 9.54 8.06 4.68
C PHE A 117 9.01 7.28 5.87
N PHE A 118 8.44 6.09 5.65
CA PHE A 118 7.99 5.23 6.81
C PHE A 118 9.22 4.59 7.58
N PRO A 119 9.17 4.51 8.93
CA PRO A 119 10.24 3.80 9.66
C PRO A 119 10.39 2.35 9.17
N GLU A 120 11.63 1.91 8.94
CA GLU A 120 11.87 0.57 8.40
C GLU A 120 11.32 -0.50 9.37
N ARG A 121 11.38 -0.24 10.66
CA ARG A 121 10.94 -1.20 11.68
C ARG A 121 9.41 -1.49 11.63
N TRP A 122 8.62 -0.64 10.95
CA TRP A 122 7.17 -0.86 10.95
C TRP A 122 6.71 -2.20 10.23
N PHE A 123 7.38 -2.64 9.16
CA PHE A 123 6.78 -3.69 8.34
C PHE A 123 7.53 -5.04 8.38
N HIS A 124 6.75 -6.14 8.48
CA HIS A 124 7.32 -7.56 8.41
C HIS A 124 7.44 -8.09 6.99
N ILE A 125 6.66 -7.50 6.04
CA ILE A 125 6.71 -7.92 4.62
C ILE A 125 6.13 -6.76 3.79
N VAL A 126 6.62 -6.59 2.53
CA VAL A 126 6.21 -5.50 1.61
C VAL A 126 5.82 -6.08 0.25
N PHE A 127 4.65 -5.71 -0.26
CA PHE A 127 4.18 -6.17 -1.58
C PHE A 127 4.05 -4.95 -2.50
N VAL A 128 4.68 -5.00 -3.66
CA VAL A 128 4.52 -3.97 -4.71
C VAL A 128 3.57 -4.52 -5.79
N LEU A 129 2.34 -4.00 -5.89
CA LEU A 129 1.39 -4.47 -6.92
C LEU A 129 1.78 -3.81 -8.27
N ARG A 130 1.71 -4.59 -9.37
CA ARG A 130 2.14 -4.21 -10.76
C ARG A 130 0.99 -4.48 -11.73
N THR A 131 0.76 -3.55 -12.65
CA THR A 131 -0.33 -3.72 -13.61
C THR A 131 0.21 -3.37 -15.05
N ASP A 132 -0.11 -4.21 -16.04
CA ASP A 132 0.31 -3.97 -17.48
C ASP A 132 -0.16 -2.56 -17.86
N THR A 133 0.69 -1.81 -18.55
CA THR A 133 0.44 -0.40 -18.90
C THR A 133 -0.89 -0.15 -19.66
N ASN A 134 -1.19 -0.98 -20.65
CA ASN A 134 -2.49 -0.94 -21.42
C ASN A 134 -3.68 -1.04 -20.42
N VAL A 135 -3.60 -1.96 -19.45
CA VAL A 135 -4.73 -2.19 -18.50
C VAL A 135 -4.83 -1.00 -17.54
N LEU A 136 -3.68 -0.54 -17.04
CA LEU A 136 -3.64 0.57 -16.04
C LEU A 136 -4.17 1.88 -16.64
N TYR A 137 -3.80 2.11 -17.92
CA TYR A 137 -4.30 3.30 -18.67
C TYR A 137 -5.88 3.37 -18.69
N GLU A 138 -6.53 2.29 -19.07
CA GLU A 138 -8.01 2.27 -19.07
C GLU A 138 -8.65 2.44 -17.67
N ARG A 139 -8.02 1.89 -16.61
CA ARG A 139 -8.50 2.10 -15.23
C ARG A 139 -8.49 3.56 -14.86
N LEU A 140 -7.36 4.25 -15.14
CA LEU A 140 -7.23 5.66 -14.72
C LEU A 140 -8.08 6.66 -15.59
N GLU A 141 -8.30 6.28 -16.86
CA GLU A 141 -9.08 7.10 -17.82
C GLU A 141 -10.53 7.10 -17.31
N THR A 142 -11.10 5.93 -17.07
CA THR A 142 -12.44 5.80 -16.43
C THR A 142 -12.65 6.50 -15.05
N ARG A 143 -11.58 6.69 -14.29
CA ARG A 143 -11.63 7.47 -13.05
C ARG A 143 -11.68 8.94 -13.35
N GLY A 144 -11.61 9.28 -14.64
CA GLY A 144 -11.65 10.66 -15.09
C GLY A 144 -10.40 11.49 -14.92
N TYR A 145 -9.21 10.88 -14.94
CA TYR A 145 -7.97 11.66 -14.93
C TYR A 145 -7.83 12.38 -16.28
N ASN A 146 -7.34 13.63 -16.22
CA ASN A 146 -6.99 14.37 -17.43
C ASN A 146 -5.65 13.94 -18.10
N GLU A 147 -5.37 14.55 -19.24
CA GLU A 147 -4.26 14.14 -20.03
C GLU A 147 -2.90 14.17 -19.29
N LYS A 148 -2.68 15.21 -18.48
CA LYS A 148 -1.38 15.40 -17.90
C LYS A 148 -1.19 14.45 -16.71
N LYS A 149 -2.25 14.25 -15.94
CA LYS A 149 -2.30 13.28 -14.86
C LYS A 149 -2.12 11.81 -15.35
N LEU A 150 -2.90 11.42 -16.39
CA LEU A 150 -2.70 10.17 -17.11
C LEU A 150 -1.24 9.92 -17.46
N THR A 151 -0.59 10.87 -18.12
CA THR A 151 0.83 10.73 -18.55
C THR A 151 1.83 10.59 -17.39
N ASP A 152 1.70 11.43 -16.37
CA ASP A 152 2.60 11.33 -15.23
C ASP A 152 2.50 9.90 -14.55
N ASN A 153 1.29 9.40 -14.34
CA ASN A 153 1.14 8.04 -13.72
C ASN A 153 1.57 6.85 -14.60
N ILE A 154 1.25 6.93 -15.92
CA ILE A 154 1.68 5.91 -16.88
C ILE A 154 3.22 5.79 -16.97
N GLN A 155 3.91 6.94 -16.88
CA GLN A 155 5.37 6.98 -16.85
C GLN A 155 5.94 6.42 -15.50
N CYS A 156 5.29 6.78 -14.39
CA CYS A 156 5.70 6.21 -13.05
C CYS A 156 5.70 4.65 -13.09
N GLU A 157 4.68 4.06 -13.70
CA GLU A 157 4.57 2.59 -13.82
C GLU A 157 5.61 1.97 -14.83
N ILE A 158 5.65 2.50 -16.06
CA ILE A 158 6.62 1.98 -17.12
C ILE A 158 8.08 2.13 -16.67
N PHE A 159 8.45 3.17 -15.88
CA PHE A 159 9.79 3.26 -15.27
C PHE A 159 9.99 2.46 -13.95
N GLN A 160 8.94 1.77 -13.43
CA GLN A 160 9.10 0.96 -12.21
C GLN A 160 9.58 1.79 -10.99
N VAL A 161 9.15 3.05 -10.89
CA VAL A 161 9.58 3.97 -9.79
C VAL A 161 9.33 3.43 -8.33
N LEU A 162 8.09 2.94 -8.09
CA LEU A 162 7.70 2.46 -6.70
C LEU A 162 8.37 1.12 -6.34
N TYR A 163 8.55 0.25 -7.31
CA TYR A 163 9.38 -0.96 -7.10
C TYR A 163 10.83 -0.65 -6.67
N GLU A 164 11.50 0.31 -7.32
CA GLU A 164 12.84 0.73 -6.85
C GLU A 164 12.90 1.46 -5.53
N GLU A 165 11.90 2.33 -5.26
CA GLU A 165 11.79 2.96 -3.97
C GLU A 165 11.65 1.88 -2.82
N ALA A 166 10.82 0.86 -3.04
CA ALA A 166 10.66 -0.20 -2.01
C ALA A 166 11.99 -0.95 -1.81
N THR A 167 12.64 -1.36 -2.90
CA THR A 167 13.90 -2.12 -2.74
C THR A 167 15.00 -1.23 -2.11
N ALA A 168 15.00 0.09 -2.39
CA ALA A 168 15.98 0.99 -1.69
C ALA A 168 15.71 1.16 -0.21
N SER A 169 14.45 1.03 0.23
CA SER A 169 14.08 1.32 1.65
C SER A 169 13.93 0.11 2.67
N TYR A 170 13.78 -1.13 2.15
CA TYR A 170 13.56 -2.36 2.94
C TYR A 170 14.51 -3.47 2.38
N LYS A 171 14.76 -4.50 3.21
CA LYS A 171 15.61 -5.62 2.82
C LYS A 171 15.01 -6.35 1.60
N GLU A 172 15.90 -6.72 0.66
CA GLU A 172 15.41 -7.39 -0.53
C GLU A 172 14.62 -8.70 -0.29
N GLU A 173 14.96 -9.46 0.74
CA GLU A 173 14.25 -10.71 0.93
C GLU A 173 12.80 -10.54 1.49
N ILE A 174 12.43 -9.35 2.03
CA ILE A 174 11.01 -9.09 2.45
C ILE A 174 10.14 -8.32 1.42
N VAL A 175 10.75 -7.92 0.31
CA VAL A 175 10.04 -7.22 -0.78
C VAL A 175 9.60 -8.19 -1.89
N HIS A 176 8.33 -8.15 -2.33
CA HIS A 176 7.79 -9.09 -3.39
C HIS A 176 6.90 -8.33 -4.37
N GLN A 177 7.02 -8.60 -5.68
CA GLN A 177 6.07 -8.04 -6.69
C GLN A 177 4.85 -8.93 -6.91
N LEU A 178 3.65 -8.36 -7.03
CA LEU A 178 2.42 -9.16 -7.23
C LEU A 178 1.71 -8.68 -8.51
N PRO A 179 1.43 -9.60 -9.45
CA PRO A 179 0.60 -9.25 -10.63
C PRO A 179 -0.84 -8.88 -10.25
N SER A 180 -1.36 -7.79 -10.83
CA SER A 180 -2.67 -7.30 -10.42
C SER A 180 -3.45 -6.75 -11.64
N ASN A 181 -3.81 -7.64 -12.57
CA ASN A 181 -4.45 -7.24 -13.87
C ASN A 181 -5.90 -7.69 -14.04
N LYS A 182 -6.33 -8.68 -13.26
CA LYS A 182 -7.67 -9.26 -13.40
C LYS A 182 -8.24 -9.93 -12.15
N PRO A 183 -9.58 -10.17 -12.13
CA PRO A 183 -10.19 -10.70 -10.92
C PRO A 183 -9.50 -11.92 -10.38
N GLU A 184 -9.02 -12.79 -11.27
CA GLU A 184 -8.42 -14.03 -10.87
C GLU A 184 -7.03 -13.83 -10.18
N GLU A 185 -6.31 -12.77 -10.60
CA GLU A 185 -5.07 -12.43 -9.90
C GLU A 185 -5.39 -11.85 -8.47
N LEU A 186 -6.43 -11.01 -8.36
CA LEU A 186 -6.90 -10.51 -7.05
C LEU A 186 -7.16 -11.68 -6.09
N GLU A 187 -7.90 -12.68 -6.59
CA GLU A 187 -8.19 -13.87 -5.84
C GLU A 187 -6.92 -14.70 -5.40
N ASN A 188 -5.95 -14.92 -6.29
N ASN A 188 -5.95 -14.93 -6.29
CA ASN A 188 -4.71 -15.59 -5.91
CA ASN A 188 -4.67 -15.59 -5.92
C ASN A 188 -3.83 -14.82 -4.90
C ASN A 188 -3.89 -14.81 -4.84
N ASN A 189 -3.93 -13.47 -4.92
CA ASN A 189 -3.16 -12.61 -4.02
C ASN A 189 -3.74 -12.69 -2.58
N VAL A 190 -5.07 -12.58 -2.46
CA VAL A 190 -5.82 -12.77 -1.20
C VAL A 190 -5.46 -14.11 -0.54
N ASP A 191 -5.56 -15.19 -1.33
CA ASP A 191 -5.30 -16.54 -0.83
C ASP A 191 -3.84 -16.70 -0.35
N GLN A 192 -2.88 -16.22 -1.14
CA GLN A 192 -1.46 -16.32 -0.77
C GLN A 192 -1.13 -15.49 0.51
N ILE A 193 -1.65 -14.28 0.61
CA ILE A 193 -1.34 -13.45 1.77
C ILE A 193 -2.06 -13.96 3.05
N LEU A 194 -3.30 -14.46 2.94
CA LEU A 194 -4.02 -15.06 4.12
C LEU A 194 -3.25 -16.25 4.69
N LYS A 195 -2.68 -17.06 3.83
CA LYS A 195 -1.82 -18.19 4.29
C LYS A 195 -0.49 -17.78 4.96
N TRP A 196 0.15 -16.77 4.37
CA TRP A 196 1.34 -16.11 4.99
C TRP A 196 1.04 -15.59 6.40
N ILE A 197 -0.09 -14.92 6.57
CA ILE A 197 -0.45 -14.39 7.87
C ILE A 197 -0.69 -15.53 8.93
N GLU A 198 -1.45 -16.56 8.55
CA GLU A 198 -1.63 -17.69 9.47
C GLU A 198 -0.25 -18.32 9.88
N GLN A 199 0.66 -18.59 8.95
CA GLN A 199 2.01 -19.21 9.29
C GLN A 199 2.89 -18.29 10.20
N TRP A 200 2.82 -16.96 9.95
CA TRP A 200 3.62 -15.98 10.73
C TRP A 200 3.15 -15.94 12.17
N ILE A 201 1.82 -15.90 12.37
CA ILE A 201 1.24 -15.93 13.74
C ILE A 201 1.68 -17.23 14.50
N LYS A 202 1.63 -18.38 13.85
CA LYS A 202 2.10 -19.65 14.50
C LYS A 202 3.59 -19.54 14.93
N ASP A 203 4.46 -19.11 14.00
CA ASP A 203 5.93 -18.96 14.25
C ASP A 203 6.30 -17.95 15.31
N HIS A 204 5.43 -16.95 15.56
CA HIS A 204 5.75 -15.85 16.51
C HIS A 204 4.84 -15.82 17.75
N ASN A 205 4.16 -16.97 18.04
CA ASN A 205 3.48 -17.14 19.30
C ASN A 205 3.74 -18.62 19.78
N SER A 206 4.98 -18.92 20.19
CA SER A 206 5.42 -20.35 20.53
C SER A 206 4.71 -20.96 21.74
PB ADP B . -5.29 1.88 -5.97
O1B ADP B . -3.94 1.25 -6.10
O2B ADP B . -5.22 3.28 -6.48
O3B ADP B . -5.87 1.72 -4.58
PA ADP B . -7.86 0.53 -6.48
O1A ADP B . -8.19 -0.42 -5.33
O2A ADP B . -8.75 1.79 -6.30
O3A ADP B . -6.28 1.07 -6.90
O5' ADP B . -8.26 -0.15 -7.93
C5' ADP B . -8.49 0.71 -9.06
C4' ADP B . -9.52 0.04 -9.99
O4' ADP B . -9.01 -1.23 -10.39
C3' ADP B . -10.86 -0.25 -9.32
O3' ADP B . -11.80 -0.04 -10.35
C2' ADP B . -10.80 -1.74 -8.94
O2' ADP B . -12.04 -2.47 -9.01
C1' ADP B . -9.91 -2.30 -10.02
N9 ADP B . -9.12 -3.50 -9.70
C8 ADP B . -8.27 -3.66 -8.66
N7 ADP B . -7.69 -4.89 -8.68
C5 ADP B . -8.14 -5.51 -9.80
C6 ADP B . -7.91 -6.83 -10.46
N6 ADP B . -6.99 -7.67 -9.86
N1 ADP B . -8.64 -7.09 -11.62
C2 ADP B . -9.51 -6.21 -12.24
N3 ADP B . -9.75 -5.00 -11.69
C4 ADP B . -9.11 -4.60 -10.49
#